data_5K3W
#
_entry.id   5K3W
#
_cell.length_a   154.428
_cell.length_b   154.428
_cell.length_c   71.005
_cell.angle_alpha   90.00
_cell.angle_beta   90.00
_cell.angle_gamma   120.00
#
_symmetry.space_group_name_H-M   'P 62'
#
loop_
_entity.id
_entity.type
_entity.pdbx_description
1 polymer CpuTA1
2 non-polymer "PYRIDOXAL-5'-PHOSPHATE"
3 non-polymer '3-AMINOBENZOIC ACID'
4 water water
#
_entity_poly.entity_id   1
_entity_poly.type   'polypeptide(L)'
_entity_poly.pdbx_seq_one_letter_code
;MTRATLLTVTAPTRPASADEHGADRAAGDAGFVLADFGAPQVRITDLGITRGDGVFETIAVIDGHPQALELHLGRLAHSA
ALLDLPEPDAAVWREAVLAGVADYRSRNGDGGELFAKLILTRGIEGEGRPSGWVFVDEGEDFSQQRLGIRVVTLDRGYRH
DVAETSPWLLAGAKSLSYATNRAAGREAARRGADDVIFVSSDGYALEGPTSNVIVLADGVVRTPQTDQGILAGTTQAAVF
DFFEERGYPTEYRRISADELRDAEALWLVSSVRQAAPITALDDREYPVDAALTADLNAYLLARTDLEHHHHHH
;
_entity_poly.pdbx_strand_id   A,B
#
loop_
_chem_comp.id
_chem_comp.type
_chem_comp.name
_chem_comp.formula
GAB non-polymer '3-AMINOBENZOIC ACID' 'C7 H7 N O2'
PLP non-polymer PYRIDOXAL-5'-PHOSPHATE 'C8 H10 N O6 P'
#
# COMPACT_ATOMS: atom_id res chain seq x y z
N THR A 2 -13.71 -9.74 23.30
CA THR A 2 -12.81 -8.60 23.19
C THR A 2 -13.60 -7.31 23.40
N ARG A 3 -12.92 -6.23 23.80
CA ARG A 3 -13.61 -4.98 24.07
C ARG A 3 -14.19 -4.39 22.78
N ALA A 4 -13.35 -4.26 21.76
CA ALA A 4 -13.76 -3.72 20.47
C ALA A 4 -14.85 -4.57 19.82
N THR A 5 -15.67 -3.91 19.01
CA THR A 5 -16.70 -4.56 18.21
C THR A 5 -16.18 -4.74 16.81
N LEU A 6 -16.55 -5.85 16.18
CA LEU A 6 -16.22 -6.12 14.79
C LEU A 6 -17.48 -6.56 14.06
N LEU A 7 -17.69 -6.00 12.87
CA LEU A 7 -18.78 -6.41 11.99
C LEU A 7 -18.19 -6.82 10.65
N THR A 8 -18.52 -8.03 10.23
CA THR A 8 -18.23 -8.47 8.88
C THR A 8 -19.30 -7.90 7.96
N VAL A 9 -18.90 -7.16 6.94
CA VAL A 9 -19.84 -6.65 5.96
C VAL A 9 -19.94 -7.67 4.83
N THR A 10 -21.06 -8.38 4.77
CA THR A 10 -21.22 -9.42 3.75
C THR A 10 -21.83 -8.89 2.45
N ALA A 11 -22.28 -7.65 2.41
CA ALA A 11 -22.80 -7.04 1.18
C ALA A 11 -22.16 -5.66 1.03
N PRO A 12 -20.84 -5.60 0.89
CA PRO A 12 -20.17 -4.29 0.93
C PRO A 12 -20.43 -3.43 -0.29
N THR A 13 -20.74 -4.01 -1.46
CA THR A 13 -20.75 -3.28 -2.71
C THR A 13 -21.98 -3.61 -3.55
N ARG A 14 -22.43 -2.65 -4.34
CA ARG A 14 -23.50 -2.78 -5.32
C ARG A 14 -22.99 -3.52 -6.56
N PRO A 15 -23.84 -4.34 -7.18
CA PRO A 15 -23.45 -5.09 -8.39
C PRO A 15 -23.60 -4.24 -9.65
N ARG A 25 -32.05 -7.67 -1.61
CA ARG A 25 -31.64 -8.44 -0.44
C ARG A 25 -32.85 -8.84 0.41
N ALA A 26 -32.81 -10.05 0.95
CA ALA A 26 -33.84 -10.52 1.86
C ALA A 26 -33.86 -9.70 3.14
N ALA A 27 -35.07 -9.42 3.64
CA ALA A 27 -35.18 -8.91 5.00
C ALA A 27 -34.69 -9.98 5.96
N GLY A 28 -34.08 -9.53 7.06
CA GLY A 28 -33.33 -10.40 7.93
C GLY A 28 -31.85 -10.45 7.59
N ASP A 29 -31.49 -10.15 6.33
CA ASP A 29 -30.09 -9.98 5.93
C ASP A 29 -29.81 -8.48 5.83
N ALA A 30 -29.20 -7.93 6.86
CA ALA A 30 -28.83 -6.53 6.83
C ALA A 30 -27.57 -6.25 6.02
N GLY A 31 -26.86 -7.29 5.59
CA GLY A 31 -25.60 -7.10 4.91
C GLY A 31 -24.39 -7.10 5.81
N PHE A 32 -24.58 -7.38 7.11
CA PHE A 32 -23.47 -7.42 8.04
C PHE A 32 -23.90 -8.23 9.26
N VAL A 33 -22.91 -8.79 9.95
CA VAL A 33 -23.14 -9.57 11.16
C VAL A 33 -21.96 -9.37 12.10
N LEU A 34 -22.22 -9.43 13.40
CA LEU A 34 -21.14 -9.31 14.37
C LEU A 34 -20.17 -10.49 14.25
N ALA A 35 -18.90 -10.20 14.55
CA ALA A 35 -17.85 -11.21 14.59
C ALA A 35 -16.88 -10.86 15.72
N ASP A 36 -16.03 -11.82 16.09
CA ASP A 36 -15.11 -11.67 17.21
C ASP A 36 -13.87 -10.90 16.76
N PHE A 37 -13.76 -9.65 17.21
CA PHE A 37 -12.62 -8.81 16.90
C PHE A 37 -11.29 -9.45 17.30
N GLY A 38 -11.31 -10.39 18.26
CA GLY A 38 -10.11 -11.02 18.78
C GLY A 38 -9.64 -12.23 18.03
N ALA A 39 -10.40 -12.74 17.20
CA ALA A 39 -10.07 -13.90 16.39
C ALA A 39 -9.63 -13.48 14.99
N PRO A 40 -8.82 -14.30 14.34
CA PRO A 40 -8.46 -14.00 12.94
C PRO A 40 -9.70 -13.89 12.06
N GLN A 41 -9.67 -12.95 11.14
CA GLN A 41 -10.84 -12.67 10.31
C GLN A 41 -10.55 -12.55 8.83
N VAL A 42 -9.30 -12.39 8.41
CA VAL A 42 -8.97 -12.16 7.01
C VAL A 42 -8.25 -13.38 6.46
N ARG A 43 -8.65 -13.81 5.26
CA ARG A 43 -7.92 -14.88 4.61
C ARG A 43 -6.55 -14.38 4.17
N ILE A 44 -5.58 -15.29 4.19
CA ILE A 44 -4.21 -14.94 3.87
C ILE A 44 -4.07 -14.52 2.41
N THR A 45 -4.99 -14.93 1.53
CA THR A 45 -4.95 -14.49 0.14
C THR A 45 -5.93 -13.35 -0.14
N ASP A 46 -6.44 -12.67 0.88
CA ASP A 46 -7.22 -11.47 0.63
C ASP A 46 -6.31 -10.40 0.05
N LEU A 47 -6.72 -9.83 -1.09
CA LEU A 47 -5.86 -8.84 -1.73
C LEU A 47 -5.65 -7.62 -0.85
N GLY A 48 -6.47 -7.45 0.20
CA GLY A 48 -6.24 -6.39 1.16
C GLY A 48 -4.91 -6.51 1.86
N ILE A 49 -4.45 -7.72 2.14
CA ILE A 49 -3.16 -7.90 2.79
C ILE A 49 -2.06 -8.32 1.82
N THR A 50 -2.37 -9.15 0.82
CA THR A 50 -1.26 -9.54 -0.05
C THR A 50 -0.80 -8.37 -0.92
N ARG A 51 -1.71 -7.44 -1.23
CA ARG A 51 -1.40 -6.33 -2.13
C ARG A 51 -1.79 -4.95 -1.61
N GLY A 52 -2.27 -4.85 -0.37
CA GLY A 52 -2.73 -3.55 0.11
C GLY A 52 -3.80 -2.95 -0.79
N ASP A 53 -4.61 -3.80 -1.44
CA ASP A 53 -5.53 -3.40 -2.49
C ASP A 53 -6.92 -3.21 -1.91
N GLY A 54 -7.18 -2.01 -1.39
CA GLY A 54 -8.49 -1.69 -0.86
C GLY A 54 -8.50 -0.24 -0.41
N VAL A 55 -9.64 0.14 0.18
CA VAL A 55 -9.80 1.51 0.68
C VAL A 55 -10.30 1.45 2.12
N PHE A 56 -10.19 2.58 2.81
CA PHE A 56 -10.64 2.60 4.20
C PHE A 56 -11.09 4.00 4.58
N GLU A 57 -11.85 4.08 5.67
CA GLU A 57 -12.21 5.34 6.32
C GLU A 57 -12.06 5.18 7.83
N THR A 58 -11.65 6.25 8.48
CA THR A 58 -11.60 6.30 9.94
C THR A 58 -12.47 7.44 10.41
N ILE A 59 -13.39 7.16 11.34
CA ILE A 59 -14.45 8.08 11.73
C ILE A 59 -14.48 8.22 13.25
N ALA A 60 -14.33 9.45 13.74
CA ALA A 60 -14.47 9.69 15.18
C ALA A 60 -15.91 9.48 15.62
N VAL A 61 -16.09 8.86 16.78
CA VAL A 61 -17.40 8.64 17.37
C VAL A 61 -17.39 9.33 18.73
N ILE A 62 -18.02 10.48 18.79
CA ILE A 62 -18.04 11.36 19.97
C ILE A 62 -19.43 11.29 20.57
N ASP A 63 -19.51 10.87 21.84
CA ASP A 63 -20.78 10.77 22.57
C ASP A 63 -21.79 9.91 21.81
N GLY A 64 -21.34 8.76 21.33
CA GLY A 64 -22.19 7.89 20.54
C GLY A 64 -22.42 8.28 19.10
N HIS A 65 -22.02 9.47 18.65
CA HIS A 65 -22.34 9.83 17.27
C HIS A 65 -21.10 9.80 16.39
N PRO A 66 -21.14 9.08 15.28
CA PRO A 66 -20.07 9.21 14.28
C PRO A 66 -20.07 10.61 13.65
N GLN A 67 -18.91 11.25 13.62
CA GLN A 67 -18.83 12.59 13.06
C GLN A 67 -18.73 12.56 11.54
N ALA A 68 -19.49 13.45 10.90
CA ALA A 68 -19.40 13.64 9.45
C ALA A 68 -19.63 12.33 8.70
N LEU A 69 -20.55 11.51 9.20
CA LEU A 69 -20.70 10.15 8.69
C LEU A 69 -20.94 10.13 7.19
N GLU A 70 -21.80 11.04 6.70
CA GLU A 70 -22.16 11.00 5.28
C GLU A 70 -20.98 11.43 4.41
N LEU A 71 -20.24 12.46 4.81
CA LEU A 71 -19.01 12.82 4.12
C LEU A 71 -18.04 11.63 4.06
N HIS A 72 -17.79 10.98 5.20
CA HIS A 72 -16.90 9.83 5.20
C HIS A 72 -17.40 8.76 4.22
N LEU A 73 -18.70 8.46 4.24
CA LEU A 73 -19.22 7.45 3.32
C LEU A 73 -19.06 7.87 1.88
N GLY A 74 -19.32 9.16 1.61
CA GLY A 74 -19.12 9.67 0.27
C GLY A 74 -17.69 9.48 -0.19
N ARG A 75 -16.73 9.74 0.70
CA ARG A 75 -15.32 9.64 0.34
C ARG A 75 -14.88 8.18 0.25
N LEU A 76 -15.48 7.30 1.03
CA LEU A 76 -15.23 5.87 0.83
C LEU A 76 -15.54 5.49 -0.61
N ALA A 77 -16.69 5.96 -1.12
CA ALA A 77 -17.11 5.66 -2.48
C ALA A 77 -16.15 6.26 -3.49
N HIS A 78 -15.72 7.50 -3.25
CA HIS A 78 -14.79 8.16 -4.15
C HIS A 78 -13.44 7.43 -4.21
N SER A 79 -12.91 7.02 -3.05
CA SER A 79 -11.68 6.23 -3.03
C SER A 79 -11.90 4.90 -3.74
N ALA A 80 -13.04 4.24 -3.46
CA ALA A 80 -13.39 3.01 -4.16
C ALA A 80 -13.33 3.20 -5.67
N ALA A 81 -13.91 4.30 -6.16
CA ALA A 81 -13.98 4.54 -7.60
C ALA A 81 -12.59 4.75 -8.19
N LEU A 82 -11.73 5.48 -7.49
CA LEU A 82 -10.36 5.65 -7.97
C LEU A 82 -9.64 4.31 -8.12
N LEU A 83 -9.96 3.32 -7.29
CA LEU A 83 -9.33 2.00 -7.38
C LEU A 83 -10.12 1.01 -8.23
N ASP A 84 -11.10 1.50 -9.01
CA ASP A 84 -11.94 0.63 -9.83
C ASP A 84 -12.63 -0.45 -8.99
N LEU A 85 -12.94 -0.14 -7.75
CA LEU A 85 -13.78 -1.07 -7.01
C LEU A 85 -15.25 -0.80 -7.28
N PRO A 86 -16.12 -1.76 -7.03
CA PRO A 86 -17.55 -1.51 -7.17
C PRO A 86 -18.02 -0.50 -6.11
N GLU A 87 -19.15 0.10 -6.40
CA GLU A 87 -19.74 1.10 -5.53
C GLU A 87 -20.08 0.52 -4.15
N PRO A 88 -19.50 1.03 -3.07
CA PRO A 88 -19.94 0.57 -1.74
C PRO A 88 -21.41 0.90 -1.51
N ASP A 89 -22.14 -0.07 -0.96
CA ASP A 89 -23.56 0.10 -0.64
C ASP A 89 -23.67 1.01 0.57
N ALA A 90 -23.89 2.32 0.32
CA ALA A 90 -23.80 3.30 1.40
C ALA A 90 -24.75 2.97 2.55
N ALA A 91 -25.91 2.39 2.24
CA ALA A 91 -26.91 2.10 3.26
C ALA A 91 -26.51 0.91 4.14
N VAL A 92 -25.74 -0.03 3.60
CA VAL A 92 -25.21 -1.11 4.41
C VAL A 92 -24.11 -0.58 5.33
N TRP A 93 -23.18 0.19 4.77
CA TRP A 93 -22.07 0.70 5.57
C TRP A 93 -22.57 1.62 6.67
N ARG A 94 -23.53 2.52 6.35
CA ARG A 94 -24.11 3.37 7.38
C ARG A 94 -24.70 2.53 8.50
N GLU A 95 -25.56 1.57 8.14
CA GLU A 95 -26.17 0.72 9.13
C GLU A 95 -25.12 -0.04 9.92
N ALA A 96 -24.07 -0.51 9.23
CA ALA A 96 -23.02 -1.28 9.90
C ALA A 96 -22.31 -0.44 10.95
N VAL A 97 -22.01 0.82 10.63
CA VAL A 97 -21.28 1.66 11.58
C VAL A 97 -22.14 1.94 12.81
N LEU A 98 -23.42 2.25 12.60
CA LEU A 98 -24.29 2.58 13.72
C LEU A 98 -24.56 1.37 14.60
N ALA A 99 -24.76 0.20 13.99
CA ALA A 99 -24.89 -1.02 14.78
C ALA A 99 -23.63 -1.29 15.59
N GLY A 100 -22.46 -1.04 14.99
CA GLY A 100 -21.21 -1.23 15.70
C GLY A 100 -21.08 -0.28 16.88
N VAL A 101 -21.40 0.99 16.68
CA VAL A 101 -21.38 1.91 17.81
C VAL A 101 -22.36 1.44 18.87
N ALA A 102 -23.53 0.97 18.44
CA ALA A 102 -24.54 0.54 19.38
C ALA A 102 -24.06 -0.66 20.18
N ASP A 103 -23.44 -1.63 19.50
CA ASP A 103 -23.00 -2.84 20.20
C ASP A 103 -21.83 -2.55 21.13
N TYR A 104 -20.89 -1.71 20.70
CA TYR A 104 -19.80 -1.35 21.58
C TYR A 104 -20.33 -0.73 22.88
N ARG A 105 -21.28 0.20 22.76
CA ARG A 105 -21.74 0.90 23.96
C ARG A 105 -22.62 0.02 24.84
N SER A 106 -23.36 -0.91 24.25
CA SER A 106 -24.24 -1.70 25.09
C SER A 106 -23.43 -2.67 25.95
N ARG A 107 -22.24 -3.07 25.48
CA ARG A 107 -21.36 -3.93 26.25
C ARG A 107 -20.41 -3.15 27.15
N ASN A 108 -19.85 -2.05 26.67
CA ASN A 108 -18.80 -1.31 27.38
C ASN A 108 -19.30 -0.05 28.04
N GLY A 109 -20.59 0.26 27.92
CA GLY A 109 -21.15 1.54 28.34
C GLY A 109 -20.69 2.64 27.40
N ASP A 110 -21.03 3.86 27.77
CA ASP A 110 -20.47 4.99 27.04
C ASP A 110 -19.34 5.60 27.86
N GLY A 111 -18.87 6.76 27.42
CA GLY A 111 -17.65 7.31 27.99
C GLY A 111 -16.48 7.09 27.07
N GLY A 112 -15.74 8.15 26.80
CA GLY A 112 -14.52 8.06 26.01
C GLY A 112 -14.76 8.33 24.54
N GLU A 113 -13.73 8.82 23.87
CA GLU A 113 -13.77 9.00 22.44
C GLU A 113 -13.55 7.66 21.77
N LEU A 114 -14.44 7.28 20.87
CA LEU A 114 -14.26 6.06 20.10
C LEU A 114 -13.98 6.41 18.66
N PHE A 115 -13.64 5.38 17.88
CA PHE A 115 -13.56 5.52 16.45
C PHE A 115 -14.14 4.27 15.79
N ALA A 116 -14.58 4.45 14.55
CA ALA A 116 -15.03 3.38 13.68
C ALA A 116 -14.10 3.36 12.49
N LYS A 117 -13.67 2.17 12.10
CA LYS A 117 -12.80 2.01 10.94
C LYS A 117 -13.51 1.14 9.92
N LEU A 118 -13.56 1.62 8.68
CA LEU A 118 -14.20 0.90 7.58
C LEU A 118 -13.12 0.40 6.65
N ILE A 119 -13.18 -0.88 6.30
CA ILE A 119 -12.16 -1.48 5.45
C ILE A 119 -12.84 -2.24 4.33
N LEU A 120 -12.54 -1.86 3.08
CA LEU A 120 -13.12 -2.47 1.90
C LEU A 120 -11.99 -2.87 0.95
N THR A 121 -11.92 -4.16 0.64
CA THR A 121 -10.86 -4.68 -0.23
C THR A 121 -11.46 -5.36 -1.46
N ARG A 122 -10.58 -5.64 -2.43
CA ARG A 122 -10.98 -6.34 -3.64
C ARG A 122 -11.32 -7.81 -3.39
N GLY A 123 -11.06 -8.31 -2.18
CA GLY A 123 -11.48 -9.65 -1.79
C GLY A 123 -10.37 -10.69 -1.91
N ILE A 124 -10.76 -11.90 -1.54
CA ILE A 124 -9.95 -13.10 -1.79
C ILE A 124 -9.64 -13.20 -3.27
N GLU A 125 -8.37 -13.45 -3.59
CA GLU A 125 -7.93 -13.40 -4.98
C GLU A 125 -8.51 -14.56 -5.78
N GLY A 126 -8.88 -14.28 -7.03
CA GLY A 126 -9.50 -15.27 -7.89
C GLY A 126 -11.01 -15.37 -7.76
N GLU A 127 -11.63 -14.55 -6.91
CA GLU A 127 -12.98 -14.77 -6.45
C GLU A 127 -13.97 -13.69 -6.90
N GLY A 128 -13.50 -12.51 -7.30
CA GLY A 128 -14.38 -11.44 -7.75
C GLY A 128 -15.42 -10.98 -6.74
N ARG A 129 -15.11 -11.06 -5.44
CA ARG A 129 -16.06 -10.66 -4.39
C ARG A 129 -15.39 -9.80 -3.33
N PRO A 130 -15.58 -8.48 -3.38
CA PRO A 130 -14.96 -7.60 -2.38
C PRO A 130 -15.22 -8.07 -0.95
N SER A 131 -14.28 -7.74 -0.05
CA SER A 131 -14.42 -7.94 1.37
C SER A 131 -14.66 -6.60 2.07
N GLY A 132 -15.31 -6.68 3.23
CA GLY A 132 -15.63 -5.49 4.00
C GLY A 132 -15.72 -5.78 5.48
N TRP A 133 -15.29 -4.80 6.28
CA TRP A 133 -15.32 -4.91 7.73
C TRP A 133 -15.53 -3.53 8.33
N VAL A 134 -16.12 -3.51 9.52
CA VAL A 134 -16.19 -2.33 10.37
C VAL A 134 -15.78 -2.76 11.76
N PHE A 135 -14.89 -2.02 12.40
CA PHE A 135 -14.73 -2.22 13.83
C PHE A 135 -14.75 -0.90 14.58
N VAL A 136 -15.22 -0.97 15.82
CA VAL A 136 -15.34 0.17 16.71
C VAL A 136 -14.47 -0.10 17.95
N ASP A 137 -13.80 0.93 18.44
CA ASP A 137 -12.95 0.71 19.60
C ASP A 137 -12.57 2.07 20.17
N GLU A 138 -12.00 2.03 21.37
CA GLU A 138 -11.55 3.25 22.03
C GLU A 138 -10.39 3.87 21.27
N GLY A 139 -10.41 5.19 21.16
CA GLY A 139 -9.38 5.89 20.42
C GLY A 139 -8.14 6.11 21.24
N GLU A 140 -7.05 6.42 20.54
CA GLU A 140 -5.81 6.77 21.21
C GLU A 140 -5.96 8.12 21.89
N ASP A 141 -5.24 8.28 23.01
CA ASP A 141 -5.25 9.55 23.74
C ASP A 141 -4.39 10.57 23.00
N PHE A 142 -5.04 11.60 22.46
CA PHE A 142 -4.35 12.65 21.69
C PHE A 142 -4.31 13.99 22.43
N SER A 143 -4.54 13.99 23.75
CA SER A 143 -4.63 15.27 24.46
C SER A 143 -3.34 16.07 24.32
N GLN A 144 -2.20 15.39 24.40
CA GLN A 144 -0.92 16.10 24.28
C GLN A 144 -0.73 16.66 22.87
N GLN A 145 -0.94 15.83 21.84
CA GLN A 145 -0.77 16.30 20.46
C GLN A 145 -1.71 17.46 20.15
N ARG A 146 -2.92 17.47 20.74
CA ARG A 146 -3.81 18.60 20.54
C ARG A 146 -3.26 19.90 21.10
N LEU A 147 -2.20 19.86 21.91
CA LEU A 147 -1.57 21.07 22.41
C LEU A 147 -0.35 21.49 21.61
N GLY A 148 0.23 20.60 20.82
CA GLY A 148 1.39 20.94 20.00
C GLY A 148 2.15 19.74 19.47
N ILE A 149 2.62 19.82 18.22
CA ILE A 149 3.46 18.81 17.59
C ILE A 149 4.57 19.50 16.81
N ARG A 150 5.72 18.84 16.72
CA ARG A 150 6.79 19.24 15.81
C ARG A 150 6.67 18.49 14.49
N VAL A 151 6.85 19.21 13.39
CA VAL A 151 6.63 18.64 12.07
C VAL A 151 7.84 18.92 11.18
N VAL A 152 8.03 18.05 10.19
CA VAL A 152 9.09 18.23 9.20
C VAL A 152 8.47 18.09 7.81
N THR A 153 9.07 18.76 6.83
CA THR A 153 8.63 18.58 5.45
C THR A 153 9.44 17.46 4.78
N LEU A 154 8.74 16.64 4.00
CA LEU A 154 9.32 15.50 3.31
C LEU A 154 8.84 15.46 1.87
N ASP A 155 9.76 15.15 0.97
CA ASP A 155 9.42 15.07 -0.44
C ASP A 155 8.48 13.87 -0.67
N ARG A 156 7.35 14.13 -1.30
CA ARG A 156 6.42 13.07 -1.64
C ARG A 156 6.84 12.32 -2.90
N GLY A 157 7.63 12.95 -3.76
CA GLY A 157 8.04 12.35 -5.01
C GLY A 157 7.12 12.61 -6.18
N TYR A 158 5.90 13.06 -5.95
CA TYR A 158 4.94 13.29 -7.02
C TYR A 158 4.83 14.77 -7.35
N ARG A 159 4.60 15.06 -8.62
CA ARG A 159 4.19 16.40 -9.00
C ARG A 159 2.80 16.69 -8.44
N HIS A 160 2.55 17.95 -8.10
CA HIS A 160 1.25 18.32 -7.57
C HIS A 160 0.10 17.86 -8.49
N ASP A 161 0.39 17.59 -9.77
CA ASP A 161 -0.67 17.33 -10.74
C ASP A 161 -0.77 15.86 -11.16
N VAL A 162 -0.20 14.93 -10.37
CA VAL A 162 -0.21 13.53 -10.81
C VAL A 162 -1.63 12.99 -10.94
N ALA A 163 -2.59 13.53 -10.17
CA ALA A 163 -3.95 13.03 -10.24
C ALA A 163 -4.58 13.31 -11.59
N GLU A 164 -4.13 14.37 -12.27
CA GLU A 164 -4.61 14.69 -13.61
C GLU A 164 -3.92 13.83 -14.68
N THR A 165 -2.60 13.68 -14.60
CA THR A 165 -1.86 13.02 -15.67
C THR A 165 -1.74 11.51 -15.49
N SER A 166 -1.77 11.01 -14.26
CA SER A 166 -1.37 9.64 -13.96
C SER A 166 -2.32 9.05 -12.93
N PRO A 167 -3.58 8.84 -13.32
CA PRO A 167 -4.58 8.36 -12.35
C PRO A 167 -4.29 6.96 -11.81
N TRP A 168 -3.46 6.16 -12.49
CA TRP A 168 -3.09 4.85 -11.96
C TRP A 168 -2.21 4.95 -10.72
N LEU A 169 -1.71 6.14 -10.37
CA LEU A 169 -0.95 6.30 -9.14
C LEU A 169 -1.85 6.52 -7.92
N LEU A 170 -3.16 6.51 -8.10
CA LEU A 170 -4.13 6.49 -7.01
C LEU A 170 -4.00 7.70 -6.08
N ALA A 171 -3.38 8.78 -6.54
CA ALA A 171 -3.21 9.95 -5.68
C ALA A 171 -4.57 10.51 -5.29
N GLY A 172 -4.74 10.80 -4.00
CA GLY A 172 -5.98 11.27 -3.47
C GLY A 172 -6.95 10.18 -3.10
N ALA A 173 -6.53 8.92 -3.17
CA ALA A 173 -7.34 7.81 -2.66
C ALA A 173 -6.91 7.46 -1.23
N LYS A 174 -7.88 7.13 -0.39
CA LYS A 174 -7.61 6.67 0.98
C LYS A 174 -7.49 5.15 0.94
N SER A 175 -6.31 4.68 0.54
CA SER A 175 -6.14 3.25 0.26
C SER A 175 -5.47 2.57 1.44
N LEU A 176 -5.43 1.22 1.34
CA LEU A 176 -4.74 0.40 2.34
C LEU A 176 -3.26 0.37 2.13
N SER A 177 -2.76 0.87 0.99
CA SER A 177 -1.33 0.82 0.66
C SER A 177 -0.62 2.04 1.25
N TYR A 178 -0.48 2.01 2.58
CA TYR A 178 0.03 3.13 3.36
C TYR A 178 1.42 2.88 3.93
N ALA A 179 2.14 1.88 3.41
CA ALA A 179 3.49 1.63 3.90
C ALA A 179 4.33 2.91 3.87
N THR A 180 4.24 3.70 2.79
CA THR A 180 5.05 4.90 2.75
C THR A 180 4.57 5.95 3.74
N ASN A 181 3.27 6.05 3.99
CA ASN A 181 2.82 7.06 4.96
C ASN A 181 3.40 6.76 6.33
N ARG A 182 3.46 5.47 6.71
CA ARG A 182 4.09 5.08 7.96
C ARG A 182 5.59 5.31 7.92
N ALA A 183 6.23 5.02 6.80
CA ALA A 183 7.65 5.29 6.69
C ALA A 183 7.95 6.77 6.90
N ALA A 184 7.08 7.67 6.43
CA ALA A 184 7.26 9.10 6.67
C ALA A 184 7.26 9.42 8.16
N GLY A 185 6.31 8.86 8.91
CA GLY A 185 6.29 9.09 10.34
C GLY A 185 7.57 8.64 11.01
N ARG A 186 8.09 7.47 10.62
CA ARG A 186 9.33 6.99 11.21
C ARG A 186 10.50 7.91 10.87
N GLU A 187 10.49 8.48 9.67
CA GLU A 187 11.51 9.47 9.33
C GLU A 187 11.40 10.71 10.20
N ALA A 188 10.17 11.20 10.41
CA ALA A 188 9.98 12.36 11.28
C ALA A 188 10.47 12.07 12.68
N ALA A 189 10.17 10.88 13.20
CA ALA A 189 10.63 10.52 14.54
C ALA A 189 12.15 10.51 14.62
N ARG A 190 12.81 9.98 13.61
CA ARG A 190 14.27 10.06 13.58
C ARG A 190 14.74 11.49 13.73
N ARG A 191 14.07 12.44 13.06
CA ARG A 191 14.41 13.84 13.23
C ARG A 191 13.77 14.46 14.47
N GLY A 192 13.37 13.67 15.45
CA GLY A 192 12.74 14.25 16.62
C GLY A 192 11.47 15.03 16.34
N ALA A 193 10.65 14.54 15.42
CA ALA A 193 9.39 15.20 15.09
C ALA A 193 8.24 14.22 15.23
N ASP A 194 7.03 14.78 15.32
CA ASP A 194 5.82 13.99 15.53
C ASP A 194 5.12 13.64 14.24
N ASP A 195 5.25 14.48 13.20
CA ASP A 195 4.46 14.27 11.99
C ASP A 195 5.16 14.92 10.81
N VAL A 196 4.49 14.90 9.66
CA VAL A 196 5.06 15.19 8.36
C VAL A 196 4.07 16.02 7.55
N ILE A 197 4.58 17.02 6.83
CA ILE A 197 3.84 17.60 5.73
C ILE A 197 4.56 17.21 4.46
N PHE A 198 3.84 16.57 3.54
CA PHE A 198 4.38 16.22 2.24
C PHE A 198 4.45 17.46 1.34
N VAL A 199 5.54 17.54 0.59
CA VAL A 199 5.78 18.57 -0.41
C VAL A 199 6.00 17.87 -1.74
N SER A 200 5.37 18.38 -2.80
CA SER A 200 5.47 17.70 -4.08
C SER A 200 6.83 17.97 -4.73
N SER A 201 7.13 17.19 -5.78
CA SER A 201 8.34 17.39 -6.58
C SER A 201 8.50 18.84 -6.98
N ASP A 202 7.42 19.48 -7.43
CA ASP A 202 7.49 20.83 -7.94
C ASP A 202 7.32 21.88 -6.86
N GLY A 203 7.34 21.46 -5.59
CA GLY A 203 7.45 22.38 -4.47
C GLY A 203 6.16 22.86 -3.85
N TYR A 204 5.07 22.11 -3.97
CA TYR A 204 3.79 22.53 -3.39
C TYR A 204 3.48 21.72 -2.12
N ALA A 205 3.11 22.44 -1.06
CA ALA A 205 2.60 21.80 0.14
C ALA A 205 1.40 20.94 -0.22
N LEU A 206 1.40 19.70 0.25
CA LEU A 206 0.33 18.77 -0.09
C LEU A 206 -0.55 18.44 1.11
N GLU A 207 -0.09 17.54 1.96
CA GLU A 207 -0.88 17.03 3.08
C GLU A 207 0.07 16.25 3.99
N GLY A 208 -0.46 15.78 5.11
CA GLY A 208 0.25 14.86 5.95
C GLY A 208 -0.08 13.43 5.55
N PRO A 209 0.73 12.48 6.00
CA PRO A 209 0.44 11.07 5.68
C PRO A 209 -0.89 10.62 6.22
N THR A 210 -1.45 11.33 7.22
CA THR A 210 -2.76 10.95 7.73
C THR A 210 -3.67 12.15 7.99
N SER A 211 -3.36 13.32 7.44
CA SER A 211 -4.01 14.54 7.88
C SER A 211 -3.93 15.58 6.77
N ASN A 212 -4.67 16.65 6.94
CA ASN A 212 -4.59 17.82 6.07
C ASN A 212 -3.98 18.99 6.83
N VAL A 213 -3.46 19.93 6.05
CA VAL A 213 -2.68 21.07 6.54
C VAL A 213 -3.55 22.31 6.50
N ILE A 214 -3.59 23.05 7.61
CA ILE A 214 -4.30 24.32 7.71
C ILE A 214 -3.28 25.43 7.92
N VAL A 215 -3.37 26.48 7.12
CA VAL A 215 -2.40 27.57 7.13
C VAL A 215 -3.13 28.86 7.47
N LEU A 216 -2.65 29.55 8.50
CA LEU A 216 -3.08 30.91 8.80
C LEU A 216 -2.00 31.89 8.37
N ALA A 217 -2.38 32.84 7.49
CA ALA A 217 -1.46 33.91 7.09
C ALA A 217 -2.26 35.14 6.67
N ASP A 218 -1.97 36.28 7.29
CA ASP A 218 -2.60 37.55 6.93
C ASP A 218 -4.10 37.50 7.14
N GLY A 219 -4.50 36.99 8.30
CA GLY A 219 -5.91 36.89 8.60
C GLY A 219 -6.70 35.94 7.72
N VAL A 220 -6.04 35.22 6.82
CA VAL A 220 -6.72 34.27 5.93
C VAL A 220 -6.34 32.85 6.31
N VAL A 221 -7.33 31.96 6.31
CA VAL A 221 -7.14 30.56 6.63
C VAL A 221 -7.21 29.80 5.34
N ARG A 222 -6.12 29.10 4.98
CA ARG A 222 -5.97 28.42 3.70
C ARG A 222 -5.64 26.94 3.92
N THR A 223 -5.86 26.16 2.87
CA THR A 223 -5.58 24.74 2.85
C THR A 223 -5.24 24.37 1.41
N PRO A 224 -4.31 23.44 1.18
CA PRO A 224 -4.01 23.04 -0.20
C PRO A 224 -5.26 22.54 -0.90
N GLN A 225 -5.52 23.06 -2.10
CA GLN A 225 -6.69 22.61 -2.84
C GLN A 225 -6.56 21.12 -3.17
N THR A 226 -7.70 20.43 -3.21
CA THR A 226 -7.74 18.98 -3.06
C THR A 226 -7.76 18.22 -4.38
N ASP A 227 -7.54 18.88 -5.50
CA ASP A 227 -7.20 18.17 -6.72
C ASP A 227 -5.69 17.95 -6.88
N GLN A 228 -4.89 18.34 -5.89
CA GLN A 228 -3.45 18.13 -5.95
C GLN A 228 -3.06 16.71 -5.53
N GLY A 229 -3.91 15.73 -5.79
CA GLY A 229 -3.59 14.37 -5.43
C GLY A 229 -3.54 14.14 -3.93
N ILE A 230 -4.48 14.72 -3.20
CA ILE A 230 -4.58 14.63 -1.75
C ILE A 230 -6.04 14.35 -1.40
N LEU A 231 -6.27 14.00 -0.13
CA LEU A 231 -7.63 13.78 0.34
C LEU A 231 -8.31 15.11 0.63
N ALA A 232 -9.61 15.18 0.34
CA ALA A 232 -10.46 16.24 0.87
C ALA A 232 -10.83 15.81 2.27
N GLY A 233 -10.29 16.48 3.28
CA GLY A 233 -10.47 16.03 4.65
C GLY A 233 -11.84 16.42 5.18
N THR A 234 -12.48 15.46 5.83
CA THR A 234 -13.70 15.82 6.54
C THR A 234 -13.41 16.79 7.68
N THR A 235 -12.25 16.66 8.34
CA THR A 235 -11.94 17.58 9.44
C THR A 235 -11.62 18.98 8.93
N GLN A 236 -10.85 19.08 7.85
CA GLN A 236 -10.55 20.37 7.24
C GLN A 236 -11.81 21.15 6.89
N ALA A 237 -12.80 20.46 6.31
CA ALA A 237 -14.06 21.16 6.03
C ALA A 237 -14.68 21.69 7.32
N ALA A 238 -14.69 20.88 8.39
CA ALA A 238 -15.25 21.40 9.63
C ALA A 238 -14.39 22.51 10.21
N VAL A 239 -13.08 22.51 9.92
CA VAL A 239 -12.22 23.58 10.41
C VAL A 239 -12.53 24.87 9.67
N PHE A 240 -12.77 24.80 8.37
CA PHE A 240 -13.19 25.99 7.66
C PHE A 240 -14.49 26.54 8.24
N ASP A 241 -15.43 25.64 8.60
CA ASP A 241 -16.67 26.12 9.18
C ASP A 241 -16.40 26.92 10.45
N PHE A 242 -15.49 26.41 11.30
CA PHE A 242 -15.18 27.12 12.54
C PHE A 242 -14.67 28.52 12.24
N PHE A 243 -13.70 28.64 11.33
CA PHE A 243 -13.05 29.93 11.09
C PHE A 243 -13.99 30.92 10.39
N GLU A 244 -14.79 30.46 9.44
CA GLU A 244 -15.76 31.35 8.81
C GLU A 244 -16.73 31.91 9.86
N GLU A 245 -17.20 31.06 10.78
CA GLU A 245 -18.10 31.50 11.84
C GLU A 245 -17.48 32.63 12.67
N ARG A 246 -16.16 32.68 12.76
CA ARG A 246 -15.49 33.76 13.48
C ARG A 246 -14.95 34.84 12.55
N GLY A 247 -15.47 34.93 11.32
CA GLY A 247 -15.12 36.00 10.41
C GLY A 247 -13.81 35.89 9.64
N TYR A 248 -13.11 34.76 9.73
CA TYR A 248 -11.93 34.60 8.88
C TYR A 248 -12.35 34.26 7.45
N PRO A 249 -11.72 34.88 6.47
CA PRO A 249 -11.80 34.34 5.10
C PRO A 249 -11.04 33.02 4.99
N THR A 250 -11.62 32.08 4.26
CA THR A 250 -11.00 30.78 4.01
C THR A 250 -10.77 30.62 2.52
N GLU A 251 -9.78 29.79 2.17
CA GLU A 251 -9.34 29.72 0.78
C GLU A 251 -8.69 28.38 0.50
N TYR A 252 -9.13 27.74 -0.58
CA TYR A 252 -8.43 26.61 -1.19
C TYR A 252 -7.52 27.15 -2.28
N ARG A 253 -6.29 26.65 -2.32
CA ARG A 253 -5.36 27.13 -3.34
C ARG A 253 -4.10 26.27 -3.32
N ARG A 254 -3.23 26.53 -4.28
CA ARG A 254 -1.89 25.97 -4.26
C ARG A 254 -1.02 26.80 -3.33
N ILE A 255 -0.32 26.11 -2.44
CA ILE A 255 0.51 26.73 -1.42
C ILE A 255 1.91 26.18 -1.62
N SER A 256 2.80 27.00 -2.15
CA SER A 256 4.18 26.56 -2.30
C SER A 256 4.79 26.28 -0.91
N ALA A 257 5.77 25.37 -0.89
CA ALA A 257 6.49 25.12 0.37
C ALA A 257 7.07 26.41 0.94
N ASP A 258 7.40 27.38 0.10
CA ASP A 258 7.90 28.66 0.59
C ASP A 258 6.82 29.40 1.38
N GLU A 259 5.62 29.54 0.81
CA GLU A 259 4.54 30.18 1.53
C GLU A 259 4.28 29.49 2.87
N LEU A 260 4.41 28.17 2.90
CA LEU A 260 4.19 27.41 4.13
C LEU A 260 5.11 27.88 5.26
N ARG A 261 6.39 28.17 4.94
CA ARG A 261 7.33 28.64 5.94
C ARG A 261 6.93 29.99 6.51
N ASP A 262 6.36 30.86 5.68
CA ASP A 262 6.01 32.23 6.08
C ASP A 262 4.66 32.32 6.78
N ALA A 263 4.03 31.19 7.08
CA ALA A 263 2.71 31.21 7.69
C ALA A 263 2.79 31.69 9.14
N GLU A 264 1.68 32.27 9.62
CA GLU A 264 1.67 32.72 11.01
C GLU A 264 1.39 31.57 11.96
N ALA A 265 0.53 30.63 11.57
CA ALA A 265 0.28 29.44 12.38
C ALA A 265 -0.08 28.31 11.44
N LEU A 266 0.12 27.07 11.92
CA LEU A 266 -0.16 25.86 11.15
C LEU A 266 -0.83 24.83 12.04
N TRP A 267 -1.74 24.06 11.42
CA TRP A 267 -2.34 22.88 12.05
C TRP A 267 -2.32 21.71 11.07
N LEU A 268 -2.16 20.51 11.64
CA LEU A 268 -2.56 19.27 10.97
C LEU A 268 -3.90 18.83 11.55
N VAL A 269 -4.85 18.52 10.67
CA VAL A 269 -6.19 18.13 11.12
C VAL A 269 -6.57 16.78 10.52
N SER A 270 -7.28 15.98 11.29
CA SER A 270 -7.73 14.65 10.86
C SER A 270 -8.80 14.20 11.85
N SER A 271 -9.51 13.11 11.48
CA SER A 271 -10.78 12.81 12.14
C SER A 271 -10.61 12.50 13.62
N VAL A 272 -9.62 11.66 13.98
CA VAL A 272 -9.51 11.19 15.36
C VAL A 272 -8.70 12.16 16.22
N ARG A 273 -7.53 12.58 15.73
CA ARG A 273 -6.73 13.52 16.50
C ARG A 273 -7.36 14.91 16.54
N GLN A 274 -8.19 15.23 15.55
CA GLN A 274 -8.79 16.56 15.43
C GLN A 274 -7.69 17.56 15.04
N ALA A 275 -7.57 18.68 15.74
CA ALA A 275 -6.64 19.73 15.33
C ALA A 275 -5.37 19.67 16.18
N ALA A 276 -4.24 19.44 15.54
CA ALA A 276 -2.96 19.43 16.23
C ALA A 276 -2.14 20.64 15.80
N PRO A 277 -1.92 21.62 16.68
CA PRO A 277 -1.17 22.82 16.28
C PRO A 277 0.32 22.53 16.18
N ILE A 278 0.97 23.17 15.21
CA ILE A 278 2.38 22.92 14.90
C ILE A 278 3.24 23.93 15.63
N THR A 279 4.12 23.43 16.50
CA THR A 279 5.06 24.27 17.23
C THR A 279 6.35 24.51 16.47
N ALA A 280 6.75 23.56 15.62
CA ALA A 280 7.96 23.71 14.84
C ALA A 280 7.79 22.99 13.52
N LEU A 281 8.29 23.59 12.45
CA LEU A 281 8.30 22.96 11.14
C LEU A 281 9.74 22.99 10.66
N ASP A 282 10.36 21.83 10.54
CA ASP A 282 11.76 21.73 10.18
C ASP A 282 12.61 22.60 11.10
N ASP A 283 12.29 22.57 12.39
CA ASP A 283 13.06 23.26 13.43
C ASP A 283 12.94 24.78 13.40
N ARG A 284 12.22 25.36 12.44
CA ARG A 284 11.76 26.73 12.60
C ARG A 284 10.57 26.73 13.55
N GLU A 285 10.59 27.63 14.54
CA GLU A 285 9.52 27.70 15.54
C GLU A 285 8.32 28.47 14.98
N TYR A 286 7.15 28.05 15.42
CA TYR A 286 5.89 28.69 15.08
C TYR A 286 5.08 28.90 16.35
N PRO A 287 4.45 30.05 16.51
CA PRO A 287 3.64 30.28 17.70
C PRO A 287 2.35 29.48 17.66
N VAL A 288 1.90 29.04 18.83
CA VAL A 288 0.62 28.33 18.97
C VAL A 288 -0.27 29.14 19.89
N ASP A 289 -1.42 29.57 19.37
CA ASP A 289 -2.42 30.29 20.15
C ASP A 289 -3.22 29.24 20.92
N ALA A 290 -2.86 29.02 22.19
CA ALA A 290 -3.45 27.91 22.92
C ALA A 290 -4.96 28.04 23.06
N ALA A 291 -5.46 29.28 23.20
CA ALA A 291 -6.90 29.46 23.36
C ALA A 291 -7.65 29.22 22.07
N LEU A 292 -7.17 29.82 20.97
CA LEU A 292 -7.84 29.63 19.68
C LEU A 292 -7.85 28.16 19.28
N THR A 293 -6.75 27.44 19.54
CA THR A 293 -6.70 26.03 19.18
C THR A 293 -7.59 25.20 20.09
N ALA A 294 -7.59 25.49 21.39
CA ALA A 294 -8.52 24.83 22.30
C ALA A 294 -9.96 25.07 21.88
N ASP A 295 -10.27 26.27 21.41
CA ASP A 295 -11.61 26.54 20.90
C ASP A 295 -11.88 25.74 19.63
N LEU A 296 -10.89 25.63 18.76
CA LEU A 296 -11.05 24.85 17.54
C LEU A 296 -11.39 23.40 17.88
N ASN A 297 -10.61 22.81 18.79
CA ASN A 297 -10.83 21.42 19.15
C ASN A 297 -12.18 21.25 19.85
N ALA A 298 -12.56 22.20 20.69
CA ALA A 298 -13.88 22.14 21.32
C ALA A 298 -14.99 22.22 20.28
N TYR A 299 -14.84 23.10 19.29
CA TYR A 299 -15.80 23.10 18.18
C TYR A 299 -15.79 21.77 17.46
N LEU A 300 -14.60 21.28 17.11
CA LEU A 300 -14.51 20.03 16.35
C LEU A 300 -15.12 18.87 17.13
N LEU A 301 -14.93 18.84 18.46
CA LEU A 301 -15.47 17.73 19.24
C LEU A 301 -16.98 17.80 19.40
N ALA A 302 -17.57 19.00 19.28
CA ALA A 302 -18.98 19.21 19.58
C ALA A 302 -19.87 19.38 18.35
N ARG A 303 -19.30 19.40 17.14
CA ARG A 303 -20.07 19.79 15.97
C ARG A 303 -21.21 18.81 15.68
N THR A 304 -20.99 17.52 15.90
CA THR A 304 -22.00 16.53 15.54
C THR A 304 -23.19 16.52 16.48
N ASP A 305 -23.01 16.96 17.73
CA ASP A 305 -24.15 17.12 18.64
C ASP A 305 -25.19 18.07 18.06
N LEU A 306 -24.76 19.17 17.44
CA LEU A 306 -25.68 20.05 16.72
C LEU A 306 -26.61 19.26 15.81
N GLU A 307 -26.03 18.44 14.92
CA GLU A 307 -26.80 17.69 13.94
C GLU A 307 -27.85 16.77 14.57
N HIS A 308 -27.70 16.39 15.83
CA HIS A 308 -28.66 15.48 16.45
C HIS A 308 -29.57 16.21 17.43
N ARG B 3 -6.18 -27.51 -0.38
CA ARG B 3 -5.17 -27.88 -1.36
C ARG B 3 -3.86 -27.11 -1.13
N ALA B 4 -3.96 -25.80 -0.94
CA ALA B 4 -2.81 -24.99 -0.56
C ALA B 4 -2.33 -25.32 0.87
N THR B 5 -1.01 -25.23 1.06
CA THR B 5 -0.41 -25.36 2.38
C THR B 5 -0.13 -23.98 2.96
N LEU B 6 -0.55 -23.77 4.20
CA LEU B 6 -0.26 -22.54 4.92
C LEU B 6 0.52 -22.87 6.19
N LEU B 7 1.57 -22.10 6.44
CA LEU B 7 2.31 -22.15 7.70
C LEU B 7 2.22 -20.79 8.38
N THR B 8 1.89 -20.79 9.67
CA THR B 8 2.08 -19.61 10.50
C THR B 8 3.51 -19.63 11.02
N VAL B 9 4.19 -18.48 10.92
CA VAL B 9 5.56 -18.34 11.37
C VAL B 9 5.52 -17.61 12.71
N THR B 10 5.74 -18.36 13.80
CA THR B 10 5.61 -17.80 15.15
C THR B 10 6.87 -17.12 15.64
N ALA B 11 7.98 -17.30 14.93
CA ALA B 11 9.24 -16.66 15.30
C ALA B 11 9.84 -16.00 14.06
N PRO B 12 9.13 -15.05 13.44
CA PRO B 12 9.58 -14.53 12.13
C PRO B 12 10.84 -13.68 12.19
N THR B 13 11.17 -13.07 13.33
CA THR B 13 12.23 -12.06 13.37
C THR B 13 13.14 -12.28 14.57
N ARG B 14 14.36 -11.75 14.46
CA ARG B 14 15.41 -11.76 15.49
C ARG B 14 15.31 -10.50 16.35
N PRO B 15 15.34 -10.63 17.68
CA PRO B 15 15.22 -9.52 18.64
C PRO B 15 16.09 -8.30 18.31
N GLY B 28 14.05 -26.76 21.13
CA GLY B 28 14.03 -27.22 19.75
C GLY B 28 12.75 -26.90 19.00
N ASP B 29 12.22 -25.70 19.23
CA ASP B 29 10.98 -25.27 18.61
C ASP B 29 11.23 -24.85 17.16
N ALA B 30 10.39 -25.37 16.26
CA ALA B 30 10.57 -25.13 14.82
C ALA B 30 10.38 -23.67 14.43
N GLY B 31 9.54 -22.92 15.14
CA GLY B 31 9.29 -21.53 14.81
C GLY B 31 8.18 -21.30 13.80
N PHE B 32 7.42 -22.34 13.44
CA PHE B 32 6.32 -22.21 12.51
C PHE B 32 5.45 -23.45 12.66
N VAL B 33 4.17 -23.30 12.35
CA VAL B 33 3.19 -24.35 12.53
C VAL B 33 2.29 -24.40 11.29
N LEU B 34 1.79 -25.59 10.97
CA LEU B 34 0.75 -25.69 9.95
C LEU B 34 -0.54 -25.02 10.42
N ALA B 35 -1.23 -24.37 9.48
CA ALA B 35 -2.51 -23.74 9.72
C ALA B 35 -3.41 -24.02 8.54
N ASP B 36 -4.69 -23.63 8.67
CA ASP B 36 -5.72 -23.93 7.67
C ASP B 36 -5.82 -22.79 6.66
N PHE B 37 -5.38 -23.05 5.42
CA PHE B 37 -5.31 -22.00 4.40
C PHE B 37 -6.69 -21.44 4.08
N GLY B 38 -7.73 -22.25 4.23
CA GLY B 38 -9.08 -21.82 3.86
C GLY B 38 -9.86 -21.09 4.93
N ALA B 39 -9.37 -21.09 6.15
CA ALA B 39 -9.89 -20.36 7.29
C ALA B 39 -9.19 -19.01 7.42
N PRO B 40 -9.89 -17.99 7.93
CA PRO B 40 -9.23 -16.71 8.20
C PRO B 40 -8.02 -16.91 9.12
N GLN B 41 -6.97 -16.11 8.89
CA GLN B 41 -5.75 -16.20 9.68
C GLN B 41 -5.19 -14.87 10.16
N VAL B 42 -5.64 -13.74 9.63
CA VAL B 42 -5.07 -12.42 9.92
C VAL B 42 -6.08 -11.62 10.73
N ARG B 43 -5.60 -11.01 11.83
CA ARG B 43 -6.43 -10.14 12.64
C ARG B 43 -6.77 -8.88 11.86
N ILE B 44 -7.99 -8.36 12.09
CA ILE B 44 -8.44 -7.20 11.33
C ILE B 44 -7.57 -5.98 11.62
N THR B 45 -6.84 -5.96 12.73
CA THR B 45 -5.91 -4.86 13.00
C THR B 45 -4.46 -5.25 12.76
N ASP B 46 -4.20 -6.32 12.02
CA ASP B 46 -2.85 -6.55 11.55
C ASP B 46 -2.46 -5.41 10.62
N LEU B 47 -1.33 -4.76 10.93
CA LEU B 47 -0.86 -3.63 10.13
C LEU B 47 -0.60 -4.03 8.68
N GLY B 48 -0.45 -5.33 8.42
CA GLY B 48 -0.40 -5.78 7.05
C GLY B 48 -1.64 -5.46 6.24
N ILE B 49 -2.84 -5.47 6.87
CA ILE B 49 -4.02 -5.16 6.07
C ILE B 49 -4.56 -3.75 6.32
N THR B 50 -4.44 -3.22 7.54
CA THR B 50 -4.95 -1.86 7.74
C THR B 50 -4.04 -0.80 7.15
N ARG B 51 -2.79 -1.12 6.85
CA ARG B 51 -1.84 -0.13 6.38
C ARG B 51 -0.91 -0.67 5.30
N GLY B 52 -1.10 -1.92 4.85
CA GLY B 52 -0.20 -2.50 3.88
C GLY B 52 1.25 -2.47 4.31
N ASP B 53 1.48 -2.60 5.62
CA ASP B 53 2.81 -2.35 6.21
C ASP B 53 3.54 -3.66 6.44
N GLY B 54 4.07 -4.21 5.36
CA GLY B 54 4.85 -5.44 5.43
C GLY B 54 5.61 -5.62 4.14
N VAL B 55 6.41 -6.69 4.11
CA VAL B 55 7.16 -7.06 2.91
C VAL B 55 6.81 -8.50 2.55
N PHE B 56 7.14 -8.88 1.32
CA PHE B 56 6.87 -10.22 0.88
C PHE B 56 7.89 -10.67 -0.14
N GLU B 57 7.92 -11.99 -0.35
CA GLU B 57 8.67 -12.62 -1.42
C GLU B 57 7.81 -13.70 -2.05
N THR B 58 7.95 -13.87 -3.36
CA THR B 58 7.32 -14.98 -4.09
C THR B 58 8.42 -15.84 -4.72
N ILE B 59 8.38 -17.13 -4.43
CA ILE B 59 9.44 -18.06 -4.81
C ILE B 59 8.83 -19.18 -5.65
N ALA B 60 9.41 -19.43 -6.82
CA ALA B 60 8.94 -20.54 -7.65
C ALA B 60 9.50 -21.85 -7.12
N VAL B 61 8.66 -22.88 -7.15
CA VAL B 61 9.03 -24.23 -6.73
C VAL B 61 8.75 -25.14 -7.91
N ILE B 62 9.81 -25.63 -8.54
CA ILE B 62 9.73 -26.47 -9.74
C ILE B 62 10.26 -27.84 -9.37
N ASP B 63 9.48 -28.88 -9.66
CA ASP B 63 9.86 -30.26 -9.30
C ASP B 63 10.33 -30.36 -7.85
N GLY B 64 9.68 -29.59 -6.97
CA GLY B 64 9.98 -29.61 -5.55
C GLY B 64 11.16 -28.78 -5.12
N HIS B 65 11.81 -28.06 -6.02
N HIS B 65 11.83 -28.07 -6.03
CA HIS B 65 13.00 -27.28 -5.66
CA HIS B 65 12.98 -27.27 -5.65
C HIS B 65 12.66 -25.79 -5.70
C HIS B 65 12.63 -25.79 -5.70
N PRO B 66 12.84 -25.05 -4.61
CA PRO B 66 12.66 -23.60 -4.67
C PRO B 66 13.78 -22.98 -5.49
N GLN B 67 13.41 -22.09 -6.40
CA GLN B 67 14.40 -21.44 -7.25
C GLN B 67 14.88 -20.14 -6.60
N ALA B 68 16.20 -19.98 -6.52
CA ALA B 68 16.81 -18.75 -6.01
C ALA B 68 16.42 -18.51 -4.55
N LEU B 69 16.33 -19.59 -3.78
CA LEU B 69 15.88 -19.49 -2.40
C LEU B 69 16.71 -18.49 -1.59
N GLU B 70 18.04 -18.60 -1.66
CA GLU B 70 18.87 -17.74 -0.83
C GLU B 70 18.78 -16.28 -1.23
N LEU B 71 18.79 -15.99 -2.54
CA LEU B 71 18.59 -14.61 -2.97
C LEU B 71 17.26 -14.07 -2.49
N HIS B 72 16.19 -14.87 -2.59
CA HIS B 72 14.89 -14.44 -2.12
C HIS B 72 14.91 -14.12 -0.62
N LEU B 73 15.50 -15.02 0.18
CA LEU B 73 15.57 -14.76 1.62
C LEU B 73 16.42 -13.54 1.92
N GLY B 74 17.52 -13.35 1.20
CA GLY B 74 18.30 -12.14 1.38
C GLY B 74 17.53 -10.87 1.03
N ARG B 75 16.68 -10.95 -0.01
CA ARG B 75 15.90 -9.78 -0.39
C ARG B 75 14.76 -9.52 0.59
N LEU B 76 14.23 -10.55 1.22
CA LEU B 76 13.26 -10.33 2.28
C LEU B 76 13.90 -9.50 3.40
N ALA B 77 15.12 -9.85 3.78
CA ALA B 77 15.85 -9.06 4.78
C ALA B 77 16.09 -7.64 4.27
N HIS B 78 16.43 -7.50 2.99
CA HIS B 78 16.67 -6.17 2.46
C HIS B 78 15.39 -5.34 2.45
N SER B 79 14.27 -5.94 2.04
CA SER B 79 13.00 -5.23 2.08
C SER B 79 12.62 -4.87 3.51
N ALA B 80 12.77 -5.82 4.43
CA ALA B 80 12.48 -5.54 5.83
C ALA B 80 13.30 -4.36 6.33
N ALA B 81 14.61 -4.36 6.00
CA ALA B 81 15.48 -3.26 6.43
C ALA B 81 14.99 -1.92 5.88
N LEU B 82 14.51 -1.88 4.63
CA LEU B 82 14.05 -0.62 4.07
C LEU B 82 12.81 -0.08 4.79
N LEU B 83 12.03 -0.95 5.44
CA LEU B 83 10.85 -0.53 6.18
C LEU B 83 11.06 -0.54 7.69
N ASP B 84 12.32 -0.56 8.15
CA ASP B 84 12.63 -0.57 9.57
C ASP B 84 11.96 -1.71 10.31
N LEU B 85 11.65 -2.80 9.60
CA LEU B 85 11.20 -4.01 10.29
C LEU B 85 12.39 -4.69 10.98
N PRO B 86 12.14 -5.53 11.96
CA PRO B 86 13.23 -6.34 12.53
C PRO B 86 13.76 -7.31 11.50
N GLU B 87 14.96 -7.79 11.75
CA GLU B 87 15.61 -8.66 10.76
C GLU B 87 14.90 -10.02 10.73
N PRO B 88 14.52 -10.51 9.55
CA PRO B 88 13.92 -11.85 9.49
C PRO B 88 14.90 -12.94 9.91
N ASP B 89 14.39 -13.91 10.66
CA ASP B 89 15.15 -15.08 11.05
C ASP B 89 15.32 -16.00 9.85
N ALA B 90 16.44 -15.85 9.12
CA ALA B 90 16.68 -16.59 7.90
C ALA B 90 16.44 -18.10 8.09
N ALA B 91 17.04 -18.68 9.13
CA ALA B 91 16.91 -20.12 9.36
C ALA B 91 15.45 -20.55 9.47
N VAL B 92 14.61 -19.75 10.12
CA VAL B 92 13.21 -20.16 10.27
C VAL B 92 12.48 -20.04 8.93
N TRP B 93 12.59 -18.88 8.28
CA TRP B 93 11.97 -18.74 6.97
C TRP B 93 12.44 -19.83 6.01
N ARG B 94 13.71 -20.20 6.07
CA ARG B 94 14.21 -21.22 5.15
C ARG B 94 13.49 -22.55 5.40
N GLU B 95 13.47 -22.98 6.68
CA GLU B 95 12.82 -24.24 7.00
C GLU B 95 11.33 -24.20 6.75
N ALA B 96 10.69 -23.04 6.91
CA ALA B 96 9.26 -22.97 6.65
C ALA B 96 8.95 -23.13 5.16
N VAL B 97 9.76 -22.51 4.28
CA VAL B 97 9.55 -22.73 2.85
C VAL B 97 9.67 -24.21 2.53
N LEU B 98 10.72 -24.84 3.03
CA LEU B 98 10.98 -26.24 2.70
C LEU B 98 9.91 -27.15 3.29
N ALA B 99 9.44 -26.84 4.50
CA ALA B 99 8.41 -27.65 5.13
C ALA B 99 7.10 -27.53 4.39
N GLY B 100 6.78 -26.33 3.90
CA GLY B 100 5.52 -26.12 3.21
C GLY B 100 5.49 -26.79 1.85
N VAL B 101 6.61 -26.74 1.12
CA VAL B 101 6.70 -27.48 -0.13
C VAL B 101 6.57 -28.97 0.13
N ALA B 102 7.25 -29.46 1.18
CA ALA B 102 7.15 -30.86 1.53
C ALA B 102 5.72 -31.22 1.92
N ASP B 103 5.02 -30.33 2.61
CA ASP B 103 3.65 -30.68 2.99
C ASP B 103 2.75 -30.69 1.77
N TYR B 104 2.93 -29.72 0.86
CA TYR B 104 2.10 -29.69 -0.34
C TYR B 104 2.33 -30.91 -1.21
N ARG B 105 3.59 -31.29 -1.43
CA ARG B 105 3.86 -32.42 -2.32
C ARG B 105 3.36 -33.72 -1.73
N SER B 106 3.41 -33.88 -0.42
CA SER B 106 2.94 -35.13 0.16
C SER B 106 1.44 -35.31 -0.04
N ARG B 107 0.68 -34.22 0.02
CA ARG B 107 -0.78 -34.29 -0.11
C ARG B 107 -1.23 -34.27 -1.56
N ASN B 108 -0.81 -33.25 -2.31
CA ASN B 108 -1.21 -33.11 -3.71
C ASN B 108 -0.27 -33.84 -4.65
N GLY B 109 0.69 -34.58 -4.11
CA GLY B 109 1.67 -35.25 -4.93
C GLY B 109 2.44 -34.28 -5.82
N ASP B 110 3.27 -34.87 -6.68
CA ASP B 110 3.98 -34.10 -7.67
C ASP B 110 3.02 -33.60 -8.74
N GLY B 111 3.49 -32.64 -9.53
CA GLY B 111 2.60 -32.02 -10.49
C GLY B 111 3.21 -30.81 -11.14
N GLY B 112 2.44 -29.74 -11.26
CA GLY B 112 2.86 -28.58 -12.01
C GLY B 112 3.79 -27.65 -11.23
N GLU B 113 3.95 -26.46 -11.78
CA GLU B 113 4.71 -25.41 -11.13
C GLU B 113 4.01 -24.94 -9.87
N LEU B 114 4.76 -24.84 -8.77
CA LEU B 114 4.25 -24.33 -7.51
C LEU B 114 4.97 -23.03 -7.15
N PHE B 115 4.53 -22.41 -6.06
CA PHE B 115 5.22 -21.25 -5.54
C PHE B 115 4.98 -21.13 -4.05
N ALA B 116 5.95 -20.55 -3.36
CA ALA B 116 5.85 -20.22 -1.95
C ALA B 116 5.77 -18.70 -1.84
N LYS B 117 4.77 -18.19 -1.12
CA LYS B 117 4.70 -16.77 -0.83
C LYS B 117 5.00 -16.53 0.65
N LEU B 118 5.97 -15.66 0.91
CA LEU B 118 6.37 -15.27 2.25
C LEU B 118 5.80 -13.89 2.54
N ILE B 119 5.15 -13.75 3.68
CA ILE B 119 4.54 -12.48 4.08
C ILE B 119 5.02 -12.16 5.49
N LEU B 120 5.59 -10.97 5.66
CA LEU B 120 6.09 -10.50 6.96
C LEU B 120 5.56 -9.10 7.20
N THR B 121 4.76 -8.92 8.27
CA THR B 121 4.15 -7.63 8.55
C THR B 121 4.58 -7.10 9.91
N ARG B 122 4.35 -5.81 10.12
CA ARG B 122 4.72 -5.24 11.40
C ARG B 122 3.86 -5.74 12.54
N GLY B 123 2.83 -6.52 12.25
CA GLY B 123 2.08 -7.19 13.28
C GLY B 123 0.84 -6.44 13.70
N ILE B 124 0.13 -7.06 14.67
CA ILE B 124 -1.09 -6.49 15.23
C ILE B 124 -0.79 -5.13 15.86
N GLU B 125 -1.61 -4.15 15.52
CA GLU B 125 -1.34 -2.77 15.93
C GLU B 125 -1.26 -2.69 17.44
N GLY B 126 -0.16 -2.14 17.94
CA GLY B 126 0.00 -1.95 19.37
C GLY B 126 0.76 -3.03 20.12
N GLU B 127 1.17 -4.12 19.45
CA GLU B 127 1.82 -5.21 20.15
C GLU B 127 3.33 -5.26 19.96
N GLY B 128 3.87 -4.51 18.99
CA GLY B 128 5.30 -4.60 18.68
C GLY B 128 5.80 -6.00 18.42
N ARG B 129 4.98 -6.85 17.80
N ARG B 129 5.00 -6.82 17.72
CA ARG B 129 5.35 -8.24 17.51
CA ARG B 129 5.28 -8.24 17.51
C ARG B 129 4.97 -8.55 16.07
C ARG B 129 4.95 -8.56 16.05
N PRO B 130 5.94 -8.56 15.15
CA PRO B 130 5.63 -8.78 13.72
C PRO B 130 5.02 -10.15 13.45
N SER B 131 4.29 -10.21 12.33
CA SER B 131 3.59 -11.40 11.87
C SER B 131 4.29 -11.99 10.66
N GLY B 132 4.04 -13.28 10.43
CA GLY B 132 4.63 -13.98 9.31
C GLY B 132 3.84 -15.19 8.87
N TRP B 133 3.76 -15.38 7.56
CA TRP B 133 3.11 -16.53 7.00
C TRP B 133 3.89 -17.01 5.78
N VAL B 134 3.84 -18.31 5.55
CA VAL B 134 4.24 -18.91 4.29
C VAL B 134 3.09 -19.76 3.81
N PHE B 135 2.71 -19.60 2.54
CA PHE B 135 1.81 -20.58 1.93
C PHE B 135 2.36 -21.02 0.59
N VAL B 136 2.00 -22.25 0.22
CA VAL B 136 2.51 -22.92 -0.99
C VAL B 136 1.31 -23.38 -1.80
N ASP B 137 1.26 -22.99 -3.07
CA ASP B 137 0.12 -23.34 -3.91
C ASP B 137 0.58 -23.53 -5.35
N GLU B 138 -0.30 -24.12 -6.15
CA GLU B 138 -0.10 -24.16 -7.59
C GLU B 138 -0.30 -22.77 -8.17
N GLY B 139 0.53 -22.42 -9.16
CA GLY B 139 0.46 -21.11 -9.76
C GLY B 139 -0.46 -21.02 -10.97
N GLU B 140 -0.76 -19.77 -11.31
CA GLU B 140 -1.51 -19.47 -12.52
C GLU B 140 -0.77 -20.01 -13.74
N ASP B 141 -1.52 -20.31 -14.80
CA ASP B 141 -0.93 -20.85 -16.02
C ASP B 141 -0.39 -19.69 -16.86
N PHE B 142 0.91 -19.73 -17.16
CA PHE B 142 1.54 -18.68 -17.95
C PHE B 142 2.01 -19.17 -19.32
N SER B 143 1.41 -20.25 -19.83
CA SER B 143 1.87 -20.83 -21.09
C SER B 143 1.72 -19.82 -22.23
N GLN B 144 0.58 -19.14 -22.30
CA GLN B 144 0.40 -18.11 -23.31
C GLN B 144 1.33 -16.94 -23.08
N GLN B 145 1.35 -16.39 -21.86
CA GLN B 145 2.19 -15.23 -21.59
C GLN B 145 3.66 -15.49 -21.95
N ARG B 146 4.13 -16.73 -21.81
CA ARG B 146 5.52 -17.01 -22.17
C ARG B 146 5.76 -17.02 -23.67
N LEU B 147 4.72 -16.94 -24.49
CA LEU B 147 4.87 -16.80 -25.94
C LEU B 147 4.72 -15.36 -26.39
N GLY B 148 4.05 -14.53 -25.63
CA GLY B 148 4.03 -13.11 -25.94
C GLY B 148 3.05 -12.34 -25.10
N ILE B 149 3.36 -11.07 -24.84
CA ILE B 149 2.48 -10.17 -24.11
C ILE B 149 2.60 -8.81 -24.77
N ARG B 150 1.53 -8.02 -24.65
CA ARG B 150 1.53 -6.63 -25.05
C ARG B 150 1.71 -5.76 -23.80
N VAL B 151 2.32 -4.59 -23.99
CA VAL B 151 2.77 -3.80 -22.85
C VAL B 151 2.59 -2.32 -23.18
N VAL B 152 2.34 -1.53 -22.14
CA VAL B 152 2.37 -0.08 -22.26
C VAL B 152 3.38 0.45 -21.25
N THR B 153 3.92 1.63 -21.54
CA THR B 153 4.70 2.36 -20.57
C THR B 153 3.78 3.31 -19.82
N LEU B 154 4.01 3.44 -18.52
CA LEU B 154 3.22 4.31 -17.66
C LEU B 154 4.15 5.08 -16.75
N ASP B 155 3.84 6.37 -16.58
CA ASP B 155 4.53 7.22 -15.61
C ASP B 155 4.38 6.66 -14.20
N ARG B 156 5.51 6.53 -13.50
N ARG B 156 5.50 6.52 -13.49
CA ARG B 156 5.55 6.11 -12.10
CA ARG B 156 5.44 6.10 -12.09
C ARG B 156 5.53 7.29 -11.13
C ARG B 156 5.46 7.30 -11.13
N GLY B 157 5.59 8.51 -11.65
CA GLY B 157 5.57 9.69 -10.81
C GLY B 157 6.91 10.02 -10.19
N TYR B 158 7.62 9.01 -9.71
CA TYR B 158 8.89 9.26 -9.04
C TYR B 158 9.99 9.51 -10.05
N ARG B 159 11.00 10.26 -9.62
CA ARG B 159 12.25 10.36 -10.34
C ARG B 159 13.05 9.07 -10.17
N HIS B 160 13.98 8.83 -11.10
CA HIS B 160 14.77 7.60 -11.06
C HIS B 160 15.66 7.53 -9.82
N ASP B 161 15.88 8.67 -9.14
CA ASP B 161 16.80 8.71 -8.01
C ASP B 161 16.09 8.82 -6.67
N VAL B 162 14.78 8.54 -6.60
CA VAL B 162 14.04 8.66 -5.35
C VAL B 162 14.72 7.90 -4.23
N ALA B 163 15.25 6.70 -4.53
CA ALA B 163 15.77 5.87 -3.45
C ALA B 163 17.01 6.48 -2.80
N GLU B 164 17.65 7.44 -3.44
CA GLU B 164 18.81 8.12 -2.89
C GLU B 164 18.43 9.36 -2.10
N THR B 165 17.48 10.14 -2.62
CA THR B 165 17.04 11.38 -2.00
C THR B 165 15.95 11.20 -0.94
N SER B 166 15.11 10.17 -1.05
CA SER B 166 13.85 10.11 -0.32
C SER B 166 13.53 8.67 0.08
N PRO B 167 14.33 8.09 0.97
CA PRO B 167 14.17 6.65 1.28
C PRO B 167 12.90 6.32 2.05
N TRP B 168 12.18 7.31 2.57
CA TRP B 168 10.88 7.08 3.17
C TRP B 168 9.79 6.78 2.13
N LEU B 169 10.10 6.89 0.84
CA LEU B 169 9.16 6.50 -0.20
C LEU B 169 9.25 5.02 -0.54
N LEU B 170 10.17 4.28 0.07
CA LEU B 170 10.23 2.82 0.01
C LEU B 170 10.50 2.27 -1.39
N ALA B 171 10.86 3.12 -2.35
CA ALA B 171 11.20 2.62 -3.68
C ALA B 171 12.24 1.52 -3.57
N GLY B 172 11.99 0.42 -4.28
CA GLY B 172 12.88 -0.72 -4.30
C GLY B 172 12.64 -1.75 -3.21
N ALA B 173 11.62 -1.55 -2.37
CA ALA B 173 11.21 -2.53 -1.38
C ALA B 173 10.04 -3.33 -1.91
N LYS B 174 10.09 -4.64 -1.71
CA LYS B 174 8.99 -5.52 -2.08
C LYS B 174 7.98 -5.45 -0.94
N SER B 175 7.08 -4.47 -1.00
CA SER B 175 6.21 -4.21 0.14
C SER B 175 4.81 -4.73 -0.13
N LEU B 176 4.03 -4.86 0.95
CA LEU B 176 2.64 -5.23 0.80
C LEU B 176 1.81 -4.13 0.15
N SER B 177 2.33 -2.90 0.05
CA SER B 177 1.54 -1.75 -0.42
C SER B 177 1.64 -1.64 -1.95
N TYR B 178 0.90 -2.52 -2.63
CA TYR B 178 0.95 -2.64 -4.08
C TYR B 178 -0.33 -2.15 -4.78
N ALA B 179 -1.15 -1.35 -4.09
CA ALA B 179 -2.37 -0.87 -4.74
C ALA B 179 -2.03 -0.26 -6.09
N THR B 180 -1.01 0.60 -6.13
CA THR B 180 -0.65 1.29 -7.37
C THR B 180 -0.13 0.31 -8.42
N ASN B 181 0.65 -0.69 -8.00
CA ASN B 181 1.08 -1.72 -8.95
C ASN B 181 -0.13 -2.36 -9.60
N ARG B 182 -1.11 -2.76 -8.78
CA ARG B 182 -2.35 -3.32 -9.34
C ARG B 182 -3.06 -2.30 -10.21
N ALA B 183 -3.17 -1.06 -9.74
CA ALA B 183 -3.80 -0.03 -10.56
C ALA B 183 -3.15 0.06 -11.95
N ALA B 184 -1.83 -0.14 -12.02
CA ALA B 184 -1.15 -0.08 -13.30
C ALA B 184 -1.61 -1.19 -14.24
N GLY B 185 -1.74 -2.42 -13.72
CA GLY B 185 -2.30 -3.49 -14.53
C GLY B 185 -3.64 -3.14 -15.13
N ARG B 186 -4.55 -2.57 -14.32
CA ARG B 186 -5.89 -2.28 -14.82
C ARG B 186 -5.85 -1.24 -15.92
N GLU B 187 -5.04 -0.19 -15.77
CA GLU B 187 -4.87 0.76 -16.87
C GLU B 187 -4.38 0.05 -18.14
N ALA B 188 -3.40 -0.83 -18.02
CA ALA B 188 -2.91 -1.57 -19.19
C ALA B 188 -4.05 -2.34 -19.87
N ALA B 189 -4.86 -3.05 -19.09
CA ALA B 189 -5.94 -3.84 -19.68
C ALA B 189 -6.95 -2.94 -20.37
N ARG B 190 -7.22 -1.77 -19.82
CA ARG B 190 -8.10 -0.81 -20.48
C ARG B 190 -7.54 -0.38 -21.82
N ARG B 191 -6.23 -0.50 -22.03
CA ARG B 191 -5.58 -0.18 -23.29
C ARG B 191 -5.31 -1.41 -24.14
N GLY B 192 -5.95 -2.54 -23.81
CA GLY B 192 -5.70 -3.75 -24.56
C GLY B 192 -4.38 -4.44 -24.31
N ALA B 193 -3.62 -4.00 -23.32
CA ALA B 193 -2.31 -4.58 -23.02
C ALA B 193 -2.41 -5.56 -21.86
N ASP B 194 -1.37 -6.38 -21.71
CA ASP B 194 -1.27 -7.36 -20.64
C ASP B 194 -0.42 -6.90 -19.45
N ASP B 195 0.41 -5.89 -19.62
CA ASP B 195 1.36 -5.55 -18.57
C ASP B 195 1.92 -4.17 -18.84
N VAL B 196 2.82 -3.74 -17.95
CA VAL B 196 3.30 -2.37 -17.88
C VAL B 196 4.80 -2.37 -17.72
N ILE B 197 5.46 -1.41 -18.37
CA ILE B 197 6.78 -0.96 -17.96
C ILE B 197 6.62 0.45 -17.41
N PHE B 198 7.04 0.65 -16.17
CA PHE B 198 7.07 1.97 -15.56
C PHE B 198 8.24 2.81 -16.10
N VAL B 199 8.00 4.11 -16.22
CA VAL B 199 9.02 5.08 -16.63
C VAL B 199 9.09 6.15 -15.55
N SER B 200 10.29 6.55 -15.17
CA SER B 200 10.39 7.57 -14.15
C SER B 200 9.95 8.91 -14.72
N SER B 201 9.61 9.84 -13.83
CA SER B 201 9.14 11.13 -14.29
C SER B 201 10.19 11.86 -15.12
N ASP B 202 11.47 11.55 -14.93
CA ASP B 202 12.53 12.12 -15.74
C ASP B 202 12.92 11.21 -16.90
N GLY B 203 12.10 10.22 -17.24
CA GLY B 203 12.18 9.57 -18.52
C GLY B 203 13.01 8.30 -18.61
N TYR B 204 13.25 7.61 -17.50
CA TYR B 204 14.05 6.40 -17.50
C TYR B 204 13.20 5.16 -17.29
N ALA B 205 13.50 4.11 -18.05
CA ALA B 205 12.83 2.83 -17.85
C ALA B 205 13.20 2.26 -16.49
N LEU B 206 12.21 1.73 -15.78
CA LEU B 206 12.45 1.26 -14.42
C LEU B 206 12.19 -0.24 -14.29
N GLU B 207 10.94 -0.61 -14.09
CA GLU B 207 10.57 -2.00 -13.93
C GLU B 207 9.09 -2.13 -14.24
N GLY B 208 8.62 -3.37 -14.33
CA GLY B 208 7.20 -3.64 -14.36
C GLY B 208 6.61 -3.71 -12.96
N PRO B 209 5.28 -3.68 -12.87
CA PRO B 209 4.63 -3.73 -11.54
C PRO B 209 4.97 -5.00 -10.77
N THR B 210 5.31 -6.07 -11.45
CA THR B 210 5.61 -7.31 -10.76
C THR B 210 6.87 -7.97 -11.32
N SER B 211 7.64 -7.26 -12.13
CA SER B 211 8.67 -7.89 -12.93
C SER B 211 9.72 -6.86 -13.31
N ASN B 212 10.86 -7.35 -13.80
CA ASN B 212 11.91 -6.49 -14.33
C ASN B 212 11.91 -6.59 -15.85
N VAL B 213 12.54 -5.61 -16.49
CA VAL B 213 12.55 -5.50 -17.95
C VAL B 213 13.94 -5.85 -18.47
N ILE B 214 13.99 -6.69 -19.50
CA ILE B 214 15.22 -7.07 -20.17
C ILE B 214 15.20 -6.51 -21.58
N VAL B 215 16.29 -5.87 -21.99
CA VAL B 215 16.39 -5.20 -23.28
C VAL B 215 17.56 -5.80 -24.05
N LEU B 216 17.28 -6.30 -25.25
CA LEU B 216 18.30 -6.65 -26.24
C LEU B 216 18.46 -5.48 -27.19
N ALA B 217 19.61 -4.82 -27.14
CA ALA B 217 19.87 -3.67 -28.00
C ALA B 217 21.36 -3.62 -28.33
N ASP B 218 21.67 -3.36 -29.60
CA ASP B 218 23.06 -3.32 -30.06
C ASP B 218 23.77 -4.62 -29.72
N GLY B 219 23.04 -5.74 -29.77
CA GLY B 219 23.58 -7.03 -29.43
C GLY B 219 23.88 -7.24 -27.96
N VAL B 220 23.45 -6.34 -27.07
CA VAL B 220 23.71 -6.42 -25.64
C VAL B 220 22.40 -6.67 -24.90
N VAL B 221 22.48 -7.49 -23.84
CA VAL B 221 21.33 -7.75 -22.98
C VAL B 221 21.42 -6.78 -21.80
N ARG B 222 20.49 -5.85 -21.72
CA ARG B 222 20.54 -4.80 -20.73
C ARG B 222 19.34 -4.86 -19.80
N THR B 223 19.48 -4.17 -18.67
CA THR B 223 18.41 -4.07 -17.69
C THR B 223 18.65 -2.80 -16.90
N PRO B 224 17.60 -2.11 -16.46
CA PRO B 224 17.81 -0.87 -15.70
C PRO B 224 18.60 -1.18 -14.43
N GLN B 225 19.58 -0.32 -14.14
CA GLN B 225 20.35 -0.46 -12.91
C GLN B 225 19.42 -0.52 -11.69
N THR B 226 19.81 -1.34 -10.75
CA THR B 226 19.04 -1.67 -9.57
C THR B 226 19.02 -0.58 -8.48
N ASP B 227 19.77 0.51 -8.62
CA ASP B 227 19.70 1.59 -7.64
C ASP B 227 18.69 2.67 -8.02
N GLN B 228 17.89 2.45 -9.06
CA GLN B 228 16.89 3.42 -9.50
C GLN B 228 15.55 3.23 -8.80
N GLY B 229 15.56 2.81 -7.53
CA GLY B 229 14.34 2.56 -6.82
C GLY B 229 13.50 1.46 -7.45
N ILE B 230 14.12 0.30 -7.70
CA ILE B 230 13.45 -0.86 -8.29
C ILE B 230 13.98 -2.09 -7.57
N LEU B 231 13.34 -3.23 -7.84
CA LEU B 231 13.81 -4.48 -7.25
C LEU B 231 14.96 -5.05 -8.06
N ALA B 232 15.96 -5.56 -7.35
CA ALA B 232 16.98 -6.37 -8.00
C ALA B 232 16.34 -7.73 -8.18
N GLY B 233 15.95 -8.03 -9.42
CA GLY B 233 15.19 -9.24 -9.67
C GLY B 233 16.05 -10.49 -9.55
N THR B 234 15.45 -11.54 -8.98
CA THR B 234 16.14 -12.81 -8.96
C THR B 234 15.99 -13.53 -10.29
N THR B 235 14.86 -13.37 -10.96
CA THR B 235 14.76 -13.90 -12.31
C THR B 235 15.69 -13.13 -13.24
N GLN B 236 15.74 -11.82 -13.12
CA GLN B 236 16.63 -11.03 -13.97
C GLN B 236 18.08 -11.49 -13.81
N ALA B 237 18.53 -11.77 -12.58
CA ALA B 237 19.91 -12.22 -12.43
C ALA B 237 20.12 -13.55 -13.15
N ALA B 238 19.12 -14.43 -13.11
CA ALA B 238 19.26 -15.72 -13.77
C ALA B 238 19.19 -15.57 -15.29
N VAL B 239 18.42 -14.59 -15.78
CA VAL B 239 18.43 -14.29 -17.21
C VAL B 239 19.84 -13.90 -17.65
N PHE B 240 20.56 -13.17 -16.80
CA PHE B 240 21.90 -12.73 -17.17
C PHE B 240 22.87 -13.90 -17.21
N ASP B 241 22.73 -14.85 -16.28
CA ASP B 241 23.55 -16.05 -16.34
C ASP B 241 23.29 -16.84 -17.60
N PHE B 242 22.02 -16.97 -17.99
CA PHE B 242 21.69 -17.65 -19.24
C PHE B 242 22.39 -17.01 -20.43
N PHE B 243 22.26 -15.69 -20.57
CA PHE B 243 22.83 -15.01 -21.73
C PHE B 243 24.35 -15.00 -21.68
N GLU B 244 24.94 -14.82 -20.50
CA GLU B 244 26.40 -14.84 -20.40
C GLU B 244 26.96 -16.20 -20.82
N GLU B 245 26.35 -17.28 -20.35
CA GLU B 245 26.84 -18.59 -20.76
C GLU B 245 26.63 -18.82 -22.25
N ARG B 246 25.57 -18.25 -22.81
CA ARG B 246 25.30 -18.42 -24.23
C ARG B 246 26.16 -17.51 -25.10
N GLY B 247 26.77 -16.48 -24.52
CA GLY B 247 27.72 -15.64 -25.24
C GLY B 247 27.29 -14.23 -25.57
N TYR B 248 26.13 -13.78 -25.08
CA TYR B 248 25.76 -12.38 -25.18
C TYR B 248 26.44 -11.57 -24.07
N PRO B 249 26.89 -10.36 -24.34
CA PRO B 249 27.31 -9.47 -23.26
C PRO B 249 26.10 -8.93 -22.49
N THR B 250 26.29 -8.67 -21.20
CA THR B 250 25.24 -8.17 -20.34
C THR B 250 25.70 -6.90 -19.62
N GLU B 251 24.74 -6.02 -19.32
CA GLU B 251 25.05 -4.71 -18.80
C GLU B 251 23.90 -4.20 -17.91
N TYR B 252 24.26 -3.66 -16.75
CA TYR B 252 23.33 -2.86 -15.96
C TYR B 252 23.47 -1.38 -16.34
N ARG B 253 22.36 -0.75 -16.68
CA ARG B 253 22.46 0.59 -17.25
C ARG B 253 21.23 1.41 -16.94
N ARG B 254 21.39 2.72 -17.02
CA ARG B 254 20.24 3.61 -17.12
C ARG B 254 19.74 3.58 -18.56
N ILE B 255 18.48 3.26 -18.75
CA ILE B 255 17.88 3.10 -20.06
C ILE B 255 16.76 4.12 -20.17
N SER B 256 16.86 5.00 -21.17
CA SER B 256 15.84 6.02 -21.35
C SER B 256 14.60 5.41 -21.98
N ALA B 257 13.48 6.13 -21.85
CA ALA B 257 12.25 5.71 -22.49
C ALA B 257 12.45 5.53 -23.99
N ASP B 258 13.25 6.40 -24.61
CA ASP B 258 13.43 6.28 -26.06
C ASP B 258 14.24 5.04 -26.43
N GLU B 259 15.36 4.80 -25.73
CA GLU B 259 16.10 3.56 -25.97
C GLU B 259 15.18 2.35 -25.95
N LEU B 260 14.23 2.33 -25.03
CA LEU B 260 13.27 1.23 -24.95
C LEU B 260 12.68 0.92 -26.31
N ARG B 261 12.07 1.91 -26.94
CA ARG B 261 11.38 1.62 -28.20
C ARG B 261 12.35 1.36 -29.35
N ASP B 262 13.62 1.71 -29.22
CA ASP B 262 14.60 1.42 -30.24
C ASP B 262 15.25 0.05 -30.08
N ALA B 263 14.90 -0.69 -29.03
CA ALA B 263 15.55 -1.97 -28.78
C ALA B 263 15.11 -3.02 -29.80
N GLU B 264 15.96 -4.03 -29.97
CA GLU B 264 15.63 -5.12 -30.89
C GLU B 264 14.54 -6.02 -30.33
N ALA B 265 14.50 -6.22 -29.01
CA ALA B 265 13.58 -7.15 -28.38
C ALA B 265 13.51 -6.84 -26.89
N LEU B 266 12.43 -7.30 -26.26
CA LEU B 266 12.15 -6.99 -24.86
C LEU B 266 11.50 -8.18 -24.17
N TRP B 267 11.78 -8.31 -22.87
CA TRP B 267 11.08 -9.26 -22.01
C TRP B 267 10.83 -8.63 -20.66
N LEU B 268 9.72 -9.05 -20.04
CA LEU B 268 9.51 -8.91 -18.61
C LEU B 268 9.81 -10.24 -17.95
N VAL B 269 10.50 -10.20 -16.82
CA VAL B 269 10.86 -11.43 -16.14
C VAL B 269 10.54 -11.31 -14.66
N SER B 270 10.17 -12.44 -14.06
CA SER B 270 9.78 -12.52 -12.66
C SER B 270 9.68 -13.99 -12.27
N SER B 271 9.63 -14.25 -10.96
CA SER B 271 9.86 -15.59 -10.43
C SER B 271 8.85 -16.61 -10.92
N VAL B 272 7.57 -16.26 -10.90
CA VAL B 272 6.57 -17.27 -11.22
C VAL B 272 6.27 -17.32 -12.71
N ARG B 273 6.11 -16.16 -13.37
CA ARG B 273 5.86 -16.16 -14.81
C ARG B 273 7.12 -16.54 -15.61
N GLN B 274 8.31 -16.30 -15.06
CA GLN B 274 9.57 -16.49 -15.75
C GLN B 274 9.70 -15.45 -16.88
N ALA B 275 10.06 -15.86 -18.09
CA ALA B 275 10.35 -14.91 -19.16
C ALA B 275 9.12 -14.73 -20.06
N ALA B 276 8.64 -13.50 -20.18
CA ALA B 276 7.51 -13.18 -21.04
C ALA B 276 7.94 -12.20 -22.12
N PRO B 277 8.07 -12.64 -23.37
CA PRO B 277 8.55 -11.75 -24.44
C PRO B 277 7.50 -10.71 -24.85
N ILE B 278 7.97 -9.50 -25.14
CA ILE B 278 7.07 -8.40 -25.49
C ILE B 278 6.91 -8.34 -27.02
N THR B 279 5.68 -8.55 -27.48
CA THR B 279 5.36 -8.44 -28.90
C THR B 279 5.02 -7.03 -29.32
N ALA B 280 4.47 -6.24 -28.40
CA ALA B 280 4.14 -4.85 -28.67
C ALA B 280 4.40 -4.03 -27.42
N LEU B 281 5.01 -2.86 -27.61
CA LEU B 281 5.19 -1.87 -26.56
C LEU B 281 4.54 -0.58 -27.02
N ASP B 282 3.50 -0.13 -26.32
CA ASP B 282 2.75 1.06 -26.72
C ASP B 282 2.29 0.95 -28.18
N ASP B 283 1.81 -0.23 -28.54
CA ASP B 283 1.27 -0.51 -29.88
C ASP B 283 2.31 -0.61 -31.00
N ARG B 284 3.57 -0.23 -30.78
CA ARG B 284 4.60 -0.55 -31.77
C ARG B 284 4.99 -2.03 -31.65
N GLU B 285 5.04 -2.73 -32.78
CA GLU B 285 5.33 -4.16 -32.76
C GLU B 285 6.81 -4.43 -32.53
N TYR B 286 7.08 -5.56 -31.91
CA TYR B 286 8.42 -6.08 -31.75
C TYR B 286 8.46 -7.54 -32.18
N PRO B 287 9.56 -7.96 -32.78
CA PRO B 287 9.70 -9.37 -33.20
C PRO B 287 10.12 -10.22 -32.01
N VAL B 288 9.43 -11.33 -31.83
CA VAL B 288 9.76 -12.26 -30.75
C VAL B 288 10.47 -13.47 -31.35
N ASP B 289 11.71 -13.67 -30.93
CA ASP B 289 12.45 -14.87 -31.31
C ASP B 289 11.91 -16.04 -30.47
N ALA B 290 11.01 -16.83 -31.06
CA ALA B 290 10.35 -17.90 -30.31
C ALA B 290 11.36 -18.93 -29.79
N ALA B 291 12.35 -19.29 -30.60
CA ALA B 291 13.28 -20.33 -30.19
C ALA B 291 14.21 -19.83 -29.07
N LEU B 292 14.65 -18.58 -29.15
CA LEU B 292 15.51 -18.04 -28.11
C LEU B 292 14.77 -17.96 -26.78
N THR B 293 13.56 -17.43 -26.81
CA THR B 293 12.78 -17.33 -25.57
C THR B 293 12.45 -18.70 -25.02
N ALA B 294 12.16 -19.67 -25.89
CA ALA B 294 11.87 -21.02 -25.42
C ALA B 294 13.07 -21.62 -24.70
N ASP B 295 14.27 -21.37 -25.23
CA ASP B 295 15.50 -21.80 -24.55
C ASP B 295 15.68 -21.09 -23.23
N LEU B 296 15.37 -19.79 -23.19
CA LEU B 296 15.43 -19.04 -21.95
C LEU B 296 14.49 -19.64 -20.91
N ASN B 297 13.24 -19.86 -21.28
CA ASN B 297 12.27 -20.38 -20.33
C ASN B 297 12.57 -21.82 -19.94
N ALA B 298 13.15 -22.60 -20.87
CA ALA B 298 13.58 -23.93 -20.48
C ALA B 298 14.66 -23.84 -19.41
N TYR B 299 15.60 -22.91 -19.58
CA TYR B 299 16.67 -22.73 -18.61
C TYR B 299 16.13 -22.24 -17.27
N LEU B 300 15.25 -21.22 -17.31
CA LEU B 300 14.70 -20.67 -16.08
C LEU B 300 13.94 -21.73 -15.30
N LEU B 301 13.20 -22.60 -16.02
CA LEU B 301 12.40 -23.62 -15.39
C LEU B 301 13.22 -24.80 -14.89
N ALA B 302 14.44 -24.97 -15.38
CA ALA B 302 15.22 -26.14 -15.03
C ALA B 302 16.31 -25.86 -14.02
N ARG B 303 16.46 -24.61 -13.57
CA ARG B 303 17.67 -24.23 -12.86
C ARG B 303 17.67 -24.75 -11.42
N THR B 304 18.87 -24.75 -10.83
CA THR B 304 19.25 -25.52 -9.62
C THR B 304 18.24 -26.60 -9.25
N1 PLP C . -4.73 12.85 4.39
C2 PLP C . -4.65 11.49 4.45
C2A PLP C . -3.63 10.74 3.62
C3 PLP C . -5.51 10.80 5.28
O3 PLP C . -5.41 9.40 5.31
C4 PLP C . -6.45 11.48 6.03
C4A PLP C . -7.41 10.79 6.96
C5 PLP C . -6.53 12.84 5.96
C6 PLP C . -5.66 13.53 5.12
C5A PLP C . -7.55 13.58 6.81
O4P PLP C . -8.88 13.17 6.54
P PLP C . -10.00 13.24 7.69
O1P PLP C . -10.02 14.61 8.33
O2P PLP C . -9.75 12.19 8.75
O3P PLP C . -11.35 13.00 7.07
C1' GAB D . -12.70 -6.47 27.61
O1' GAB D . -13.89 -6.17 27.87
O2' GAB D . -12.37 -7.62 27.15
C1 GAB D . -11.68 -5.36 27.90
C2 GAB D . -10.35 -5.44 27.45
C3 GAB D . -9.47 -4.41 27.74
C4 GAB D . -9.91 -3.30 28.45
C5 GAB D . -11.23 -3.22 28.88
C6 GAB D . -12.12 -4.25 28.61
N3 GAB D . -8.09 -4.47 27.31
H2 GAB D . -10.06 -6.19 26.99
H4 GAB D . -9.32 -2.61 28.65
H5 GAB D . -11.52 -2.48 29.36
H6 GAB D . -13.00 -4.19 28.89
HN31 GAB D . -7.54 -3.84 27.50
HN32 GAB D . -7.81 -5.16 26.87
N1 PLP E . 9.77 -5.86 -9.72
C2 PLP E . 8.79 -5.88 -8.80
C2A PLP E . 8.12 -4.58 -8.41
C3 PLP E . 8.43 -7.08 -8.21
O3 PLP E . 7.41 -7.06 -7.23
C4 PLP E . 9.06 -8.24 -8.56
C4A PLP E . 8.67 -9.56 -7.95
C5 PLP E . 10.05 -8.22 -9.52
C6 PLP E . 10.40 -7.01 -10.10
C5A PLP E . 10.77 -9.47 -9.97
O4P PLP E . 11.33 -10.18 -8.89
P PLP E . 11.76 -11.69 -9.07
O1P PLP E . 12.41 -11.90 -10.43
O2P PLP E . 10.56 -12.59 -8.93
O3P PLP E . 12.77 -12.01 -8.01
#